data_5E3V
#
_entry.id   5E3V
#
_cell.length_a   165.360
_cell.length_b   165.360
_cell.length_c   79.120
_cell.angle_alpha   90.00
_cell.angle_beta   90.00
_cell.angle_gamma   90.00
#
_symmetry.space_group_name_H-M   'I 41 2 2'
#
loop_
_entity.id
_entity.type
_entity.pdbx_description
1 polymer 'Adenylosuccinate lyase'
2 water water
#
_entity_poly.entity_id   1
_entity_poly.type   'polypeptide(L)'
_entity_poly.pdbx_seq_one_letter_code
;MRGSHHHHHHGMASMELSSLTAVSPVDGRYGDKVSALRGIFSEYGLLKFRVQVEVRWLQKLAAHAAIKEVPAFAADANGY
LDTLVANFNEEDAARIKTIERTTNHDVKAVEYFLKEKVAAIPALHDVSEFIHFACTSEDINNLSHALMLKTARDEVILPY
WRQVINAVKDLATQYRDIPLLSRTHGQPATPSTLGKEMANVAYRMERQFRQLNQVEILGKINGAVGNYNAHIAAYPEVDW
HQFSEEFVTSLGIQWNPYTTQIEPHDYIAELFDCIARFNTILIDFDRDVWGYIALNHFKQKTIAGEIGSSTMPHKVNPID
FENSEGNLGLSNAVLHHLANKLPVSRWQRDLTDSTVLRNLGVGIGYALIAYQSTLKGVSK
;
_entity_poly.pdbx_strand_id   A
#
# COMPACT_ATOMS: atom_id res chain seq x y z
N MET A 15 -2.04 5.11 -29.43
CA MET A 15 -2.64 6.38 -28.90
C MET A 15 -3.88 6.16 -28.04
N GLU A 16 -4.64 5.10 -28.32
CA GLU A 16 -5.66 4.58 -27.37
C GLU A 16 -5.07 4.50 -25.95
N LEU A 17 -5.59 3.65 -25.06
CA LEU A 17 -4.98 3.48 -23.70
C LEU A 17 -5.33 2.17 -23.04
N SER A 18 -4.56 1.13 -23.31
CA SER A 18 -4.75 -0.12 -22.62
C SER A 18 -3.48 -0.73 -22.06
N SER A 19 -3.54 -2.00 -21.67
CA SER A 19 -2.36 -2.72 -21.19
C SER A 19 -1.31 -2.80 -22.31
N LEU A 20 -1.75 -2.88 -23.58
CA LEU A 20 -0.77 -2.81 -24.69
C LEU A 20 -0.10 -1.42 -24.81
N THR A 21 -0.91 -0.37 -24.83
CA THR A 21 -0.38 0.94 -25.09
C THR A 21 -0.10 1.77 -23.88
N ALA A 22 -0.14 1.18 -22.67
CA ALA A 22 0.22 1.89 -21.40
C ALA A 22 1.69 2.20 -21.36
N VAL A 23 2.10 3.21 -20.57
CA VAL A 23 3.50 3.69 -20.59
C VAL A 23 4.31 3.04 -19.51
N SER A 24 3.83 3.13 -18.27
CA SER A 24 4.28 2.34 -17.12
C SER A 24 3.81 0.86 -17.10
N PRO A 25 4.70 -0.04 -16.73
CA PRO A 25 4.35 -1.46 -16.69
C PRO A 25 3.30 -1.89 -15.69
N VAL A 26 3.10 -1.12 -14.60
CA VAL A 26 2.13 -1.50 -13.57
C VAL A 26 0.69 -1.44 -14.10
N ASP A 27 0.51 -0.57 -15.06
CA ASP A 27 -0.75 -0.45 -15.69
C ASP A 27 -0.76 -1.29 -16.93
N GLY A 28 0.42 -1.57 -17.47
CA GLY A 28 0.53 -2.12 -18.83
C GLY A 28 0.73 -3.60 -18.82
N ARG A 29 2.00 -4.04 -18.91
CA ARG A 29 2.36 -5.47 -18.85
C ARG A 29 1.70 -6.18 -17.65
N TYR A 30 1.67 -5.50 -16.51
CA TYR A 30 1.12 -6.08 -15.31
C TYR A 30 -0.11 -5.32 -14.85
N GLY A 31 -0.96 -5.00 -15.82
CA GLY A 31 -2.14 -4.21 -15.57
C GLY A 31 -2.92 -4.90 -14.49
N ASP A 32 -2.91 -6.23 -14.55
CA ASP A 32 -3.75 -7.09 -13.73
C ASP A 32 -2.96 -7.89 -12.70
N LYS A 33 -3.70 -8.43 -11.72
CA LYS A 33 -3.12 -8.99 -10.48
C LYS A 33 -2.40 -7.91 -9.68
N VAL A 34 -1.77 -6.94 -10.37
CA VAL A 34 -1.44 -5.67 -9.70
C VAL A 34 -2.71 -4.84 -9.69
N SER A 35 -3.73 -5.41 -10.33
CA SER A 35 -5.05 -4.83 -10.45
C SER A 35 -5.58 -4.27 -9.15
N ALA A 36 -5.26 -4.91 -8.03
CA ALA A 36 -5.89 -4.54 -6.77
C ALA A 36 -5.63 -3.09 -6.34
N LEU A 37 -4.56 -2.48 -6.83
CA LEU A 37 -4.18 -1.08 -6.51
C LEU A 37 -5.08 -0.08 -7.19
N ARG A 38 -5.71 -0.53 -8.24
CA ARG A 38 -6.67 0.31 -8.92
C ARG A 38 -7.75 0.80 -7.97
N GLY A 39 -8.19 -0.03 -7.03
CA GLY A 39 -9.18 0.39 -6.02
C GLY A 39 -8.72 1.40 -4.96
N ILE A 40 -7.43 1.77 -4.96
CA ILE A 40 -6.83 2.50 -3.86
C ILE A 40 -6.03 3.75 -4.28
N PHE A 41 -5.07 3.59 -5.20
CA PHE A 41 -4.21 4.68 -5.58
C PHE A 41 -4.50 5.36 -6.92
N SER A 42 -5.49 4.90 -7.66
CA SER A 42 -5.83 5.60 -8.88
C SER A 42 -6.57 6.89 -8.57
N GLU A 43 -6.78 7.75 -9.58
CA GLU A 43 -7.63 8.93 -9.32
C GLU A 43 -8.90 8.51 -8.61
N TYR A 44 -9.42 7.34 -9.01
CA TYR A 44 -10.60 6.73 -8.41
C TYR A 44 -10.41 6.40 -6.95
N GLY A 45 -9.30 5.71 -6.70
CA GLY A 45 -9.03 5.18 -5.41
C GLY A 45 -9.21 6.29 -4.40
N LEU A 46 -8.38 7.31 -4.52
CA LEU A 46 -8.32 8.33 -3.49
C LEU A 46 -9.60 9.10 -3.35
N LEU A 47 -10.33 9.28 -4.45
CA LEU A 47 -11.72 9.74 -4.33
C LEU A 47 -12.57 8.77 -3.58
N LYS A 48 -12.48 7.49 -3.95
CA LYS A 48 -13.33 6.49 -3.31
C LYS A 48 -13.10 6.57 -1.81
N PHE A 49 -11.81 6.63 -1.44
CA PHE A 49 -11.41 6.85 -0.06
C PHE A 49 -11.84 8.16 0.58
N ARG A 50 -11.76 9.29 -0.12
CA ARG A 50 -12.09 10.55 0.53
C ARG A 50 -13.59 10.72 0.76
N VAL A 51 -14.44 10.09 -0.04
CA VAL A 51 -15.84 10.34 0.17
C VAL A 51 -16.35 9.45 1.30
N GLN A 52 -16.05 8.17 1.20
CA GLN A 52 -16.06 7.33 2.36
C GLN A 52 -15.23 8.13 3.37
N VAL A 53 -15.56 8.06 4.64
CA VAL A 53 -14.89 8.86 5.69
C VAL A 53 -15.64 10.16 5.76
N GLU A 54 -15.57 10.96 4.70
CA GLU A 54 -16.32 12.19 4.78
C GLU A 54 -17.80 11.87 4.73
N VAL A 55 -18.14 10.66 4.28
CA VAL A 55 -19.52 10.15 4.43
C VAL A 55 -19.74 9.34 5.72
N ARG A 56 -18.81 8.47 6.09
CA ARG A 56 -19.03 7.63 7.26
C ARG A 56 -19.19 8.49 8.51
N TRP A 57 -18.73 9.74 8.40
CA TRP A 57 -18.90 10.69 9.47
C TRP A 57 -20.32 11.22 9.55
N LEU A 58 -20.88 11.62 8.40
CA LEU A 58 -22.27 12.06 8.30
C LEU A 58 -23.24 11.05 8.88
N GLN A 59 -22.86 9.78 8.84
CA GLN A 59 -23.48 8.80 9.72
C GLN A 59 -23.44 9.32 11.17
N LYS A 60 -22.66 10.38 11.41
CA LYS A 60 -22.89 11.33 12.54
C LYS A 60 -24.35 11.46 12.86
N LEU A 61 -25.18 11.76 11.86
CA LEU A 61 -26.64 11.92 12.03
C LEU A 61 -27.33 10.84 12.89
N ALA A 62 -26.65 9.73 13.11
CA ALA A 62 -27.04 8.70 14.08
C ALA A 62 -27.14 9.22 15.50
N ALA A 63 -26.41 10.29 15.83
CA ALA A 63 -26.59 10.96 17.12
C ALA A 63 -27.87 11.76 17.03
N HIS A 64 -28.91 11.11 16.52
CA HIS A 64 -30.25 11.66 16.48
C HIS A 64 -31.30 10.55 16.55
N LEU A 81 -28.49 3.36 4.76
CA LEU A 81 -27.39 3.39 5.72
C LEU A 81 -26.07 3.67 5.00
N ASP A 82 -25.25 2.62 4.84
CA ASP A 82 -24.01 2.70 4.08
C ASP A 82 -24.28 2.41 2.59
N THR A 83 -25.11 3.24 1.99
CA THR A 83 -25.61 2.97 0.64
C THR A 83 -24.55 3.23 -0.43
N LEU A 84 -24.15 4.50 -0.54
CA LEU A 84 -23.23 4.94 -1.59
C LEU A 84 -21.75 4.72 -1.27
N VAL A 85 -21.38 4.56 0.00
CA VAL A 85 -19.96 4.24 0.31
C VAL A 85 -19.61 2.89 -0.32
N ALA A 86 -20.65 2.09 -0.55
CA ALA A 86 -20.51 0.77 -1.13
C ALA A 86 -20.89 0.72 -2.62
N ASN A 87 -21.91 1.50 -2.99
CA ASN A 87 -22.41 1.57 -4.38
C ASN A 87 -21.72 2.65 -5.20
N PHE A 88 -20.39 2.69 -5.09
CA PHE A 88 -19.58 3.76 -5.68
C PHE A 88 -18.56 3.15 -6.63
N ASN A 89 -18.43 3.77 -7.81
CA ASN A 89 -17.61 3.22 -8.87
C ASN A 89 -17.00 4.31 -9.74
N GLU A 90 -16.36 3.89 -10.82
CA GLU A 90 -15.86 4.82 -11.82
C GLU A 90 -16.97 5.78 -12.27
N GLU A 91 -18.23 5.33 -12.26
CA GLU A 91 -19.32 6.20 -12.71
C GLU A 91 -19.44 7.47 -11.85
N ASP A 92 -19.31 7.36 -10.52
CA ASP A 92 -19.45 8.55 -9.70
C ASP A 92 -18.13 9.29 -9.46
N ALA A 93 -17.03 8.61 -9.75
CA ALA A 93 -15.72 9.25 -9.86
C ALA A 93 -15.65 10.05 -11.17
N ALA A 94 -16.36 9.58 -12.20
CA ALA A 94 -16.39 10.33 -13.44
C ALA A 94 -17.29 11.54 -13.19
N ARG A 95 -18.37 11.31 -12.43
CA ARG A 95 -19.33 12.33 -12.06
C ARG A 95 -18.66 13.47 -11.30
N ILE A 96 -17.93 13.13 -10.26
CA ILE A 96 -17.22 14.13 -9.51
C ILE A 96 -16.16 14.83 -10.38
N LYS A 97 -15.67 14.14 -11.42
CA LYS A 97 -14.66 14.68 -12.35
C LYS A 97 -15.25 15.69 -13.33
N THR A 98 -16.41 15.35 -13.90
CA THR A 98 -17.13 16.24 -14.81
C THR A 98 -17.74 17.40 -14.04
N ILE A 99 -18.14 17.12 -12.80
CA ILE A 99 -18.83 18.09 -11.93
C ILE A 99 -17.81 18.94 -11.14
N GLU A 100 -16.53 18.72 -11.45
CA GLU A 100 -15.47 19.68 -11.14
C GLU A 100 -15.28 20.48 -12.42
N ARG A 101 -14.10 21.07 -12.59
CA ARG A 101 -13.74 21.83 -13.81
C ARG A 101 -14.77 22.88 -14.28
N THR A 102 -15.87 23.03 -13.53
CA THR A 102 -16.88 24.07 -13.82
C THR A 102 -16.95 25.07 -12.67
N THR A 103 -16.92 24.56 -11.44
CA THR A 103 -17.11 25.38 -10.25
C THR A 103 -16.00 26.44 -10.05
N ASN A 104 -16.41 27.62 -9.58
CA ASN A 104 -15.51 28.77 -9.42
C ASN A 104 -14.72 28.85 -8.09
N HIS A 105 -14.41 27.70 -7.49
CA HIS A 105 -13.67 27.67 -6.23
C HIS A 105 -12.51 26.69 -6.23
N ASP A 106 -12.45 25.84 -7.26
CA ASP A 106 -11.38 24.83 -7.43
C ASP A 106 -11.49 23.65 -6.42
N VAL A 107 -11.32 23.94 -5.11
CA VAL A 107 -11.48 22.94 -4.03
C VAL A 107 -12.88 22.99 -3.39
N LYS A 108 -13.38 21.82 -3.01
CA LYS A 108 -14.76 21.63 -2.52
C LYS A 108 -15.71 21.22 -3.66
N ALA A 109 -15.13 20.68 -4.74
CA ALA A 109 -15.92 20.05 -5.82
C ALA A 109 -16.68 18.84 -5.28
N VAL A 110 -16.03 18.14 -4.33
CA VAL A 110 -16.59 17.02 -3.55
C VAL A 110 -17.81 17.43 -2.76
N GLU A 111 -17.87 18.70 -2.35
CA GLU A 111 -19.05 19.22 -1.67
C GLU A 111 -20.31 19.07 -2.52
N TYR A 112 -20.26 19.51 -3.77
CA TYR A 112 -21.45 19.56 -4.64
C TYR A 112 -21.98 18.18 -5.04
N PHE A 113 -21.07 17.22 -5.12
CA PHE A 113 -21.41 15.86 -5.52
C PHE A 113 -22.22 15.16 -4.44
N LEU A 114 -21.65 15.10 -3.24
CA LEU A 114 -22.33 14.55 -2.07
C LEU A 114 -23.65 15.30 -1.82
N LYS A 115 -23.62 16.61 -2.06
CA LYS A 115 -24.81 17.43 -1.97
C LYS A 115 -25.81 17.06 -3.07
N GLU A 116 -25.32 16.63 -4.23
CA GLU A 116 -26.19 16.21 -5.33
C GLU A 116 -26.95 14.93 -4.98
N LYS A 117 -26.22 13.95 -4.48
CA LYS A 117 -26.80 12.67 -4.08
C LYS A 117 -27.54 12.82 -2.75
N VAL A 118 -28.18 13.98 -2.56
CA VAL A 118 -28.94 14.29 -1.35
C VAL A 118 -30.44 14.18 -1.60
N ALA A 119 -30.82 13.77 -2.81
CA ALA A 119 -32.25 13.70 -3.18
C ALA A 119 -33.03 12.71 -2.31
N PHE A 130 -30.88 14.73 4.46
CA PHE A 130 -31.72 15.77 3.84
C PHE A 130 -31.41 17.16 4.40
N ILE A 131 -31.56 17.32 5.72
CA ILE A 131 -31.00 18.48 6.39
C ILE A 131 -29.58 18.07 6.84
N HIS A 132 -29.03 17.06 6.16
CA HIS A 132 -27.71 16.54 6.45
C HIS A 132 -26.58 17.54 6.14
N PHE A 133 -26.97 18.71 5.63
CA PHE A 133 -26.10 19.71 5.02
C PHE A 133 -24.94 20.30 5.87
N ALA A 134 -24.12 19.44 6.47
CA ALA A 134 -22.90 19.86 7.19
C ALA A 134 -21.64 19.23 6.53
N CYS A 135 -20.79 20.05 5.91
CA CYS A 135 -19.67 19.50 5.13
C CYS A 135 -18.29 19.94 5.59
N THR A 136 -18.05 19.75 6.89
CA THR A 136 -16.74 19.95 7.52
C THR A 136 -15.76 19.01 6.82
N SER A 137 -14.49 19.44 6.77
CA SER A 137 -13.37 18.76 6.02
C SER A 137 -11.99 18.76 6.79
N GLU A 138 -10.88 18.36 6.15
CA GLU A 138 -9.49 18.69 6.64
C GLU A 138 -8.68 17.68 7.48
N ASP A 139 -9.16 17.44 8.70
CA ASP A 139 -8.68 16.31 9.53
C ASP A 139 -9.23 15.02 8.91
N ILE A 140 -10.44 15.12 8.38
CA ILE A 140 -11.08 14.08 7.59
C ILE A 140 -10.22 13.73 6.38
N ASN A 141 -9.67 14.74 5.75
CA ASN A 141 -8.73 14.49 4.69
C ASN A 141 -7.49 13.69 5.13
N ASN A 142 -6.97 13.92 6.31
CA ASN A 142 -5.94 12.99 6.71
C ASN A 142 -6.47 11.56 6.89
N LEU A 143 -7.60 11.42 7.57
CA LEU A 143 -8.13 10.09 7.80
C LEU A 143 -8.20 9.29 6.52
N SER A 144 -8.67 9.91 5.44
CA SER A 144 -8.57 9.35 4.09
C SER A 144 -7.19 8.73 3.77
N HIS A 145 -6.16 9.56 3.67
CA HIS A 145 -4.80 9.06 3.49
C HIS A 145 -4.43 7.92 4.44
N ALA A 146 -4.73 8.03 5.71
CA ALA A 146 -4.41 6.95 6.64
C ALA A 146 -5.09 5.63 6.22
N LEU A 147 -6.40 5.71 5.97
CA LEU A 147 -7.15 4.56 5.58
C LEU A 147 -6.63 3.93 4.30
N MET A 148 -6.27 4.71 3.29
CA MET A 148 -5.82 4.06 2.07
C MET A 148 -4.49 3.34 2.31
N LEU A 149 -3.55 4.05 2.91
CA LEU A 149 -2.35 3.42 3.43
C LEU A 149 -2.69 2.21 4.28
N LYS A 150 -3.59 2.36 5.25
CA LYS A 150 -3.96 1.21 6.09
C LYS A 150 -4.42 -0.01 5.30
N THR A 151 -5.13 0.22 4.22
CA THR A 151 -5.77 -0.85 3.47
C THR A 151 -4.74 -1.51 2.59
N ALA A 152 -3.95 -0.69 1.91
CA ALA A 152 -2.76 -1.19 1.22
C ALA A 152 -1.94 -2.12 2.07
N ARG A 153 -1.72 -1.75 3.34
CA ARG A 153 -0.80 -2.51 4.18
C ARG A 153 -1.46 -3.79 4.58
N ASP A 154 -2.69 -3.73 5.05
CA ASP A 154 -3.33 -4.95 5.50
C ASP A 154 -3.89 -5.83 4.46
N GLU A 155 -4.23 -5.32 3.29
CA GLU A 155 -4.99 -6.21 2.37
C GLU A 155 -4.28 -6.66 1.07
N VAL A 156 -3.04 -6.14 0.90
CA VAL A 156 -2.15 -6.35 -0.27
C VAL A 156 -0.65 -6.49 0.18
N ILE A 157 0.03 -5.42 0.61
CA ILE A 157 1.41 -5.70 0.97
C ILE A 157 1.59 -6.96 1.80
N LEU A 158 0.83 -7.08 2.92
CA LEU A 158 1.08 -8.15 3.88
C LEU A 158 0.72 -9.50 3.32
N PRO A 159 -0.51 -9.67 2.81
CA PRO A 159 -0.81 -10.92 2.10
C PRO A 159 0.22 -11.28 1.03
N TYR A 160 0.81 -10.32 0.35
CA TYR A 160 1.94 -10.66 -0.53
C TYR A 160 3.20 -11.16 0.18
N TRP A 161 3.67 -10.39 1.15
CA TRP A 161 4.84 -10.75 1.97
C TRP A 161 4.73 -12.14 2.55
N ARG A 162 3.53 -12.46 3.04
CA ARG A 162 3.28 -13.79 3.56
C ARG A 162 3.39 -14.90 2.48
N GLN A 163 2.95 -14.65 1.25
CA GLN A 163 3.14 -15.67 0.23
C GLN A 163 4.63 -15.77 0.07
N VAL A 164 5.28 -14.65 -0.19
CA VAL A 164 6.74 -14.68 -0.35
C VAL A 164 7.47 -15.35 0.81
N ILE A 165 7.08 -15.10 2.05
CA ILE A 165 7.82 -15.77 3.12
C ILE A 165 7.64 -17.29 3.00
N ASN A 166 6.39 -17.71 2.81
CA ASN A 166 6.09 -19.13 2.76
C ASN A 166 6.88 -19.84 1.70
N ALA A 167 6.92 -19.25 0.50
CA ALA A 167 7.59 -19.88 -0.60
C ALA A 167 9.06 -19.93 -0.34
N VAL A 168 9.59 -19.00 0.46
CA VAL A 168 10.99 -19.12 0.86
C VAL A 168 11.19 -20.23 1.89
N LYS A 169 10.26 -20.38 2.83
CA LYS A 169 10.30 -21.48 3.81
C LYS A 169 10.15 -22.87 3.16
N ASP A 170 9.57 -22.96 1.97
CA ASP A 170 9.52 -24.25 1.29
C ASP A 170 10.80 -24.53 0.58
N LEU A 171 11.29 -23.52 -0.14
CA LEU A 171 12.43 -23.70 -1.00
C LEU A 171 13.67 -23.92 -0.16
N ALA A 172 13.58 -23.57 1.11
CA ALA A 172 14.64 -23.86 2.06
C ALA A 172 14.50 -25.30 2.52
N THR A 173 13.33 -25.66 3.06
CA THR A 173 13.08 -27.03 3.52
C THR A 173 12.76 -27.89 2.32
N GLN A 174 13.78 -28.09 1.50
CA GLN A 174 13.69 -28.75 0.20
C GLN A 174 15.11 -28.71 -0.33
N TYR A 175 15.81 -27.64 0.04
CA TYR A 175 17.22 -27.50 -0.28
C TYR A 175 18.11 -27.76 0.94
N ARG A 176 17.52 -28.11 2.07
CA ARG A 176 18.29 -28.69 3.18
C ARG A 176 19.24 -29.73 2.61
N ASP A 177 20.47 -29.74 3.12
CA ASP A 177 21.51 -30.71 2.71
C ASP A 177 22.29 -30.29 1.47
N ILE A 178 21.65 -29.52 0.59
CA ILE A 178 22.34 -28.99 -0.57
C ILE A 178 23.42 -28.03 -0.09
N PRO A 179 24.70 -28.38 -0.31
CA PRO A 179 25.77 -27.56 0.21
C PRO A 179 25.98 -26.35 -0.68
N LEU A 180 26.92 -25.48 -0.31
CA LEU A 180 27.24 -24.29 -1.12
C LEU A 180 28.69 -23.84 -1.00
N LEU A 181 29.05 -22.95 -1.91
CA LEU A 181 30.24 -22.08 -1.85
C LEU A 181 31.51 -22.66 -1.23
N SER A 182 32.17 -21.84 -0.41
CA SER A 182 33.43 -22.12 0.28
C SER A 182 34.62 -21.98 -0.68
N ARG A 183 34.90 -23.06 -1.41
CA ARG A 183 35.86 -23.09 -2.52
C ARG A 183 36.35 -24.51 -2.69
N THR A 184 35.46 -25.37 -3.16
CA THR A 184 35.74 -26.80 -3.43
C THR A 184 36.64 -27.43 -2.35
N HIS A 185 37.93 -27.53 -2.67
CA HIS A 185 38.96 -28.00 -1.76
C HIS A 185 40.17 -27.10 -1.95
N GLY A 186 40.91 -26.84 -0.86
CA GLY A 186 42.03 -25.89 -0.88
C GLY A 186 41.65 -24.45 -0.50
N GLN A 187 40.38 -24.20 -0.19
CA GLN A 187 39.92 -22.90 0.31
C GLN A 187 38.51 -22.98 0.91
N PRO A 188 38.28 -22.29 2.05
CA PRO A 188 36.97 -22.26 2.75
C PRO A 188 36.20 -20.93 2.78
N ALA A 189 36.72 -19.93 3.52
CA ALA A 189 35.96 -18.72 3.90
C ALA A 189 34.81 -19.07 4.87
N THR A 190 33.76 -19.75 4.37
CA THR A 190 32.61 -20.21 5.18
C THR A 190 31.70 -21.21 4.43
N PRO A 191 31.55 -22.46 4.95
CA PRO A 191 30.67 -23.51 4.37
C PRO A 191 29.33 -23.85 5.10
N SER A 192 28.18 -23.73 4.41
CA SER A 192 26.81 -23.96 4.98
C SER A 192 25.89 -24.91 4.16
N THR A 193 24.56 -24.76 4.25
CA THR A 193 23.64 -25.44 3.31
C THR A 193 22.57 -24.52 2.70
N LEU A 194 22.47 -24.52 1.38
CA LEU A 194 21.47 -23.71 0.69
C LEU A 194 20.11 -24.24 1.10
N GLY A 195 19.48 -23.56 2.04
CA GLY A 195 18.31 -24.09 2.72
C GLY A 195 18.29 -23.49 4.11
N LYS A 196 19.42 -23.63 4.81
CA LYS A 196 19.63 -22.98 6.08
C LYS A 196 19.87 -21.50 5.84
N GLU A 197 20.58 -21.20 4.77
CA GLU A 197 20.88 -19.83 4.41
C GLU A 197 19.66 -19.20 3.73
N MET A 198 18.69 -20.01 3.37
CA MET A 198 17.43 -19.51 2.87
C MET A 198 16.45 -19.37 4.00
N ALA A 199 16.66 -20.11 5.06
CA ALA A 199 15.89 -19.92 6.28
C ALA A 199 16.13 -18.51 6.87
N ASN A 200 17.38 -18.04 6.87
CA ASN A 200 17.64 -16.74 7.42
C ASN A 200 16.86 -15.67 6.65
N VAL A 201 16.95 -15.72 5.33
CA VAL A 201 16.11 -14.86 4.52
C VAL A 201 14.64 -14.89 4.94
N ALA A 202 14.05 -16.06 5.14
CA ALA A 202 12.65 -16.08 5.58
C ALA A 202 12.53 -15.43 6.94
N TYR A 203 13.56 -15.58 7.76
CA TYR A 203 13.53 -14.99 9.08
C TYR A 203 13.67 -13.46 9.08
N ARG A 204 14.59 -13.00 8.22
CA ARG A 204 14.75 -11.58 7.98
C ARG A 204 13.44 -11.05 7.45
N MET A 205 12.84 -11.72 6.49
CA MET A 205 11.57 -11.25 5.98
C MET A 205 10.49 -11.16 7.04
N GLU A 206 10.52 -12.14 7.98
CA GLU A 206 9.61 -12.15 9.14
C GLU A 206 9.78 -10.88 10.00
N ARG A 207 10.99 -10.45 10.25
CA ARG A 207 11.16 -9.26 11.03
C ARG A 207 10.59 -8.04 10.31
N GLN A 208 10.91 -7.83 9.06
CA GLN A 208 10.24 -6.72 8.38
C GLN A 208 8.73 -6.91 8.28
N PHE A 209 8.20 -8.14 8.37
CA PHE A 209 6.77 -8.28 8.48
C PHE A 209 6.29 -7.61 9.76
N ARG A 210 6.81 -8.07 10.87
CA ARG A 210 6.45 -7.52 12.14
C ARG A 210 6.73 -6.03 12.14
N GLN A 211 7.83 -5.59 11.52
CA GLN A 211 8.13 -4.17 11.52
C GLN A 211 7.07 -3.37 10.80
N LEU A 212 6.76 -3.69 9.54
CA LEU A 212 5.53 -3.15 8.87
C LEU A 212 4.51 -3.46 9.87
N ASN A 213 3.30 -2.93 9.84
CA ASN A 213 2.30 -3.57 10.82
C ASN A 213 2.39 -3.00 12.23
N GLN A 214 3.59 -2.90 12.79
CA GLN A 214 3.70 -2.08 13.96
C GLN A 214 4.01 -0.59 13.69
N VAL A 215 4.08 -0.23 12.42
CA VAL A 215 4.08 1.18 12.01
C VAL A 215 2.73 1.78 12.36
N GLU A 216 2.73 2.82 13.19
CA GLU A 216 1.50 3.39 13.69
C GLU A 216 0.94 4.33 12.68
N ILE A 217 -0.28 4.09 12.23
CA ILE A 217 -0.97 5.03 11.34
C ILE A 217 -2.03 5.78 12.17
N LEU A 218 -1.73 7.04 12.52
CA LEU A 218 -2.55 7.83 13.46
C LEU A 218 -3.60 8.76 12.86
N GLY A 219 -4.50 9.24 13.71
CA GLY A 219 -5.48 10.27 13.35
C GLY A 219 -6.24 10.84 14.52
N LYS A 220 -6.91 11.98 14.30
CA LYS A 220 -7.54 12.73 15.36
C LYS A 220 -8.46 13.72 14.70
N ILE A 221 -9.28 14.35 15.52
CA ILE A 221 -10.02 15.53 15.12
C ILE A 221 -9.79 16.59 16.21
N ASN A 222 -9.54 17.84 15.79
CA ASN A 222 -9.84 19.06 16.59
C ASN A 222 -8.63 19.97 16.90
N ASN A 229 -17.37 23.50 13.60
CA ASN A 229 -17.75 24.82 13.13
C ASN A 229 -18.56 25.66 14.16
N ALA A 230 -19.16 26.75 13.70
CA ALA A 230 -20.27 27.39 14.42
C ALA A 230 -21.54 26.57 14.19
N HIS A 231 -21.39 25.51 13.38
CA HIS A 231 -22.50 24.63 12.97
C HIS A 231 -22.82 23.56 14.01
N ILE A 232 -21.82 22.72 14.30
CA ILE A 232 -21.97 21.53 15.15
C ILE A 232 -22.71 21.76 16.47
N ALA A 233 -23.01 23.03 16.76
CA ALA A 233 -23.92 23.42 17.85
C ALA A 233 -25.41 23.31 17.42
N ALA A 234 -25.66 22.30 16.58
CA ALA A 234 -26.97 21.70 16.36
C ALA A 234 -26.92 20.41 17.16
N TYR A 235 -25.70 20.05 17.58
CA TYR A 235 -25.44 18.87 18.38
C TYR A 235 -24.95 19.26 19.80
N PRO A 236 -25.92 19.50 20.73
CA PRO A 236 -25.61 19.93 22.10
C PRO A 236 -25.62 18.77 23.08
N GLU A 237 -25.60 17.55 22.54
CA GLU A 237 -25.94 16.37 23.31
C GLU A 237 -24.88 15.28 23.18
N VAL A 238 -23.75 15.61 22.54
CA VAL A 238 -22.68 14.65 22.29
C VAL A 238 -21.38 15.07 22.99
N ASP A 239 -20.59 14.11 23.49
CA ASP A 239 -19.23 14.42 23.96
C ASP A 239 -18.32 14.31 22.76
N TRP A 240 -18.07 15.45 22.13
CA TRP A 240 -17.36 15.48 20.85
C TRP A 240 -16.04 14.75 20.79
N HIS A 241 -15.27 14.81 21.88
CA HIS A 241 -14.11 13.93 22.06
C HIS A 241 -14.67 12.63 22.52
N GLN A 242 -14.71 11.65 21.64
CA GLN A 242 -15.58 10.52 21.88
C GLN A 242 -16.37 10.33 20.62
N PHE A 243 -17.17 11.30 20.22
CA PHE A 243 -17.67 11.14 18.87
C PHE A 243 -16.47 11.04 17.97
N SER A 244 -15.41 11.79 18.28
CA SER A 244 -14.17 11.76 17.48
C SER A 244 -13.35 10.48 17.66
N GLU A 245 -13.17 10.09 18.92
CA GLU A 245 -12.40 8.89 19.23
C GLU A 245 -13.14 7.69 18.70
N GLU A 246 -14.43 7.63 19.00
CA GLU A 246 -15.28 6.63 18.34
C GLU A 246 -15.15 6.67 16.83
N PHE A 247 -15.01 7.86 16.23
CA PHE A 247 -15.03 7.91 14.79
C PHE A 247 -13.78 7.36 14.19
N VAL A 248 -12.68 7.99 14.58
CA VAL A 248 -11.38 7.63 14.07
C VAL A 248 -11.25 6.10 14.13
N THR A 249 -11.46 5.59 15.34
CA THR A 249 -11.30 4.20 15.70
C THR A 249 -12.16 3.31 14.83
N SER A 250 -13.42 3.71 14.66
CA SER A 250 -14.36 3.00 13.80
C SER A 250 -13.81 2.77 12.40
N LEU A 251 -12.91 3.63 11.98
CA LEU A 251 -12.25 3.49 10.69
C LEU A 251 -11.05 2.55 10.82
N GLY A 252 -10.83 2.05 12.03
CA GLY A 252 -9.66 1.23 12.29
C GLY A 252 -8.40 2.05 12.30
N ILE A 253 -8.49 3.38 12.41
CA ILE A 253 -7.29 4.18 12.61
C ILE A 253 -6.98 4.24 14.09
N GLN A 254 -5.72 4.33 14.43
CA GLN A 254 -5.39 4.52 15.80
C GLN A 254 -5.56 6.01 16.09
N TRP A 255 -5.86 6.32 17.34
CA TRP A 255 -6.40 7.60 17.70
C TRP A 255 -5.49 8.69 18.29
N ASN A 256 -5.90 9.90 17.96
CA ASN A 256 -5.98 10.99 18.94
C ASN A 256 -4.65 11.46 19.50
N PRO A 257 -4.66 11.82 20.81
CA PRO A 257 -4.20 13.11 21.27
C PRO A 257 -2.69 13.25 21.38
N TYR A 258 -2.19 13.03 22.59
CA TYR A 258 -0.99 13.70 23.09
C TYR A 258 -1.10 15.21 22.85
N THR A 259 -1.66 15.57 21.69
CA THR A 259 -2.60 16.69 21.58
C THR A 259 -3.59 16.34 20.47
N THR A 260 -3.86 17.29 19.60
CA THR A 260 -4.24 17.00 18.24
C THR A 260 -3.81 18.22 17.47
N GLN A 261 -2.76 18.02 16.67
CA GLN A 261 -2.08 19.12 16.01
C GLN A 261 -1.21 18.59 14.88
N ILE A 262 -0.38 17.60 15.23
CA ILE A 262 0.58 17.02 14.31
C ILE A 262 0.17 15.65 13.84
N GLU A 263 -0.56 15.63 12.73
CA GLU A 263 -0.52 14.48 11.88
C GLU A 263 0.71 14.76 11.04
N PRO A 264 1.91 14.49 11.62
CA PRO A 264 3.20 14.71 10.95
C PRO A 264 3.06 14.18 9.53
N HIS A 265 2.34 13.04 9.46
CA HIS A 265 1.68 12.57 8.29
C HIS A 265 2.71 11.88 7.41
N ASP A 266 3.91 11.71 7.98
CA ASP A 266 4.84 10.76 7.40
C ASP A 266 5.27 9.60 8.34
N TYR A 267 4.26 8.78 8.64
CA TYR A 267 4.35 7.40 8.88
C TYR A 267 4.53 6.70 7.50
N ILE A 268 4.51 7.51 6.45
CA ILE A 268 4.73 7.03 5.07
C ILE A 268 6.19 6.70 4.87
N ALA A 269 7.04 7.66 5.11
CA ALA A 269 8.47 7.35 5.42
C ALA A 269 8.61 6.03 6.16
N GLU A 270 7.98 5.92 7.33
CA GLU A 270 8.16 4.76 8.20
C GLU A 270 7.74 3.46 7.50
N LEU A 271 6.53 3.43 6.89
CA LEU A 271 6.08 2.31 6.08
C LEU A 271 6.97 1.99 4.89
N PHE A 272 7.43 3.05 4.23
CA PHE A 272 8.15 2.87 2.99
C PHE A 272 9.60 2.45 3.30
N ASP A 273 10.31 3.08 4.25
CA ASP A 273 11.59 2.49 4.63
C ASP A 273 11.41 1.02 5.08
N CYS A 274 10.16 0.59 5.31
CA CYS A 274 10.09 -0.76 5.77
C CYS A 274 9.90 -1.67 4.59
N ILE A 275 8.86 -1.48 3.80
CA ILE A 275 8.77 -2.21 2.51
C ILE A 275 10.16 -2.25 1.80
N ALA A 276 10.88 -1.15 1.79
CA ALA A 276 12.10 -1.16 1.02
C ALA A 276 13.20 -1.98 1.73
N ARG A 277 13.18 -1.98 3.05
CA ARG A 277 13.96 -2.96 3.80
C ARG A 277 13.60 -4.43 3.38
N PHE A 278 12.30 -4.72 3.37
CA PHE A 278 11.89 -6.05 2.98
C PHE A 278 12.32 -6.30 1.54
N ASN A 279 12.07 -5.32 0.67
CA ASN A 279 12.29 -5.43 -0.75
C ASN A 279 13.73 -5.80 -1.05
N THR A 280 14.64 -5.20 -0.26
CA THR A 280 16.06 -5.46 -0.34
C THR A 280 16.38 -6.83 0.12
N ILE A 281 15.79 -7.28 1.24
CA ILE A 281 15.92 -8.70 1.66
C ILE A 281 15.57 -9.60 0.45
N LEU A 282 14.42 -9.38 -0.19
CA LEU A 282 14.01 -10.18 -1.36
C LEU A 282 15.00 -10.14 -2.54
N ILE A 283 15.52 -8.95 -2.90
CA ILE A 283 16.53 -8.87 -3.95
C ILE A 283 17.72 -9.76 -3.54
N ASP A 284 18.09 -9.69 -2.28
CA ASP A 284 19.11 -10.63 -1.78
C ASP A 284 18.75 -12.10 -2.07
N PHE A 285 17.56 -12.51 -1.67
CA PHE A 285 17.01 -13.82 -2.07
C PHE A 285 17.05 -14.09 -3.58
N ASP A 286 16.70 -13.09 -4.38
CA ASP A 286 16.68 -13.21 -5.82
C ASP A 286 18.06 -13.57 -6.34
N ARG A 287 19.08 -13.00 -5.70
CA ARG A 287 20.45 -13.07 -6.15
C ARG A 287 21.05 -14.38 -5.66
N ASP A 288 20.27 -15.11 -4.87
CA ASP A 288 20.70 -16.40 -4.40
C ASP A 288 20.25 -17.49 -5.35
N VAL A 289 18.96 -17.58 -5.62
CA VAL A 289 18.48 -18.52 -6.61
C VAL A 289 19.20 -18.32 -7.95
N TRP A 290 18.89 -17.23 -8.66
CA TRP A 290 19.70 -16.81 -9.82
C TRP A 290 21.08 -16.64 -9.23
N GLY A 291 21.99 -17.56 -9.51
CA GLY A 291 23.24 -17.58 -8.78
C GLY A 291 23.48 -19.01 -8.40
N TYR A 292 22.54 -19.59 -7.67
CA TYR A 292 22.63 -21.01 -7.47
C TYR A 292 22.36 -21.72 -8.81
N ILE A 293 21.35 -21.25 -9.54
CA ILE A 293 21.04 -21.85 -10.85
C ILE A 293 22.01 -21.34 -11.93
N ALA A 294 22.84 -20.36 -11.56
CA ALA A 294 24.04 -20.09 -12.35
C ALA A 294 24.99 -21.27 -12.22
N LEU A 295 25.14 -21.78 -10.99
CA LEU A 295 26.02 -22.93 -10.72
C LEU A 295 25.43 -24.27 -11.12
N ASN A 296 24.14 -24.47 -10.89
CA ASN A 296 23.47 -25.71 -11.35
C ASN A 296 23.42 -25.79 -12.88
N HIS A 297 23.94 -24.73 -13.53
CA HIS A 297 24.28 -24.78 -14.96
C HIS A 297 25.78 -25.11 -15.12
N PHE A 298 26.18 -26.21 -14.48
CA PHE A 298 27.48 -26.83 -14.67
C PHE A 298 27.29 -28.33 -14.98
N LYS A 299 26.01 -28.71 -15.20
CA LYS A 299 25.57 -30.08 -15.49
C LYS A 299 24.87 -30.20 -16.85
N GLN A 300 23.55 -29.95 -16.88
CA GLN A 300 22.76 -29.97 -18.11
C GLN A 300 21.36 -29.39 -17.92
N VAL A 316 15.94 -24.70 -16.43
CA VAL A 316 15.12 -23.65 -15.82
C VAL A 316 15.62 -22.28 -16.21
N ASN A 317 14.68 -21.35 -16.43
CA ASN A 317 15.04 -19.98 -16.78
C ASN A 317 15.04 -19.05 -15.56
N PRO A 318 16.23 -18.56 -15.17
CA PRO A 318 16.45 -17.69 -14.01
C PRO A 318 15.83 -16.32 -14.22
N ILE A 319 15.15 -16.18 -15.36
CA ILE A 319 14.26 -15.07 -15.59
C ILE A 319 13.23 -15.20 -14.43
N ASP A 320 12.63 -14.10 -14.03
CA ASP A 320 11.74 -14.04 -12.86
C ASP A 320 12.53 -13.64 -11.63
N PHE A 321 13.71 -14.20 -11.47
CA PHE A 321 14.48 -13.75 -10.36
C PHE A 321 15.24 -12.50 -10.77
N GLU A 322 15.54 -12.37 -12.06
CA GLU A 322 16.09 -11.13 -12.58
C GLU A 322 15.04 -10.02 -12.61
N ASN A 323 13.84 -10.34 -13.13
CA ASN A 323 12.70 -9.42 -13.12
C ASN A 323 12.38 -8.90 -11.72
N SER A 324 12.15 -9.85 -10.80
CA SER A 324 11.87 -9.50 -9.44
C SER A 324 12.95 -8.55 -9.00
N GLU A 325 14.21 -8.85 -9.30
CA GLU A 325 15.22 -7.90 -8.94
C GLU A 325 14.95 -6.55 -9.64
N GLY A 326 15.02 -6.53 -10.95
CA GLY A 326 14.49 -5.37 -11.71
C GLY A 326 13.41 -4.49 -11.03
N ASN A 327 12.15 -4.95 -10.98
CA ASN A 327 11.12 -4.16 -10.31
C ASN A 327 11.38 -3.70 -8.83
N LEU A 328 12.00 -4.54 -8.02
CA LEU A 328 12.29 -4.17 -6.64
C LEU A 328 13.20 -2.95 -6.52
N GLY A 329 14.20 -2.87 -7.38
CA GLY A 329 15.07 -1.72 -7.42
C GLY A 329 14.28 -0.51 -7.81
N LEU A 330 13.31 -0.67 -8.69
CA LEU A 330 12.41 0.41 -9.04
C LEU A 330 11.41 0.77 -7.92
N SER A 331 10.64 -0.18 -7.36
CA SER A 331 9.93 0.14 -6.09
C SER A 331 10.85 0.97 -5.26
N ASN A 332 11.99 0.40 -4.92
CA ASN A 332 12.68 1.06 -3.88
C ASN A 332 13.03 2.48 -4.33
N ALA A 333 13.31 2.64 -5.62
CA ALA A 333 13.74 3.94 -6.09
C ALA A 333 12.66 4.92 -5.79
N VAL A 334 11.41 4.57 -6.18
CA VAL A 334 10.31 5.49 -6.09
C VAL A 334 9.86 5.68 -4.65
N LEU A 335 9.52 4.56 -4.01
CA LEU A 335 9.34 4.48 -2.57
C LEU A 335 10.32 5.33 -1.86
N HIS A 336 11.62 5.11 -2.02
CA HIS A 336 12.49 5.98 -1.22
C HIS A 336 12.23 7.39 -1.64
N HIS A 337 12.20 7.65 -2.94
CA HIS A 337 12.07 9.04 -3.34
C HIS A 337 10.91 9.69 -2.54
N LEU A 338 9.71 9.11 -2.67
CA LEU A 338 8.54 9.66 -2.11
C LEU A 338 8.71 9.79 -0.64
N ALA A 339 9.39 8.83 -0.04
CA ALA A 339 9.61 8.88 1.41
C ALA A 339 10.49 10.03 1.87
N ASN A 340 11.44 10.49 1.06
CA ASN A 340 12.27 11.61 1.53
C ASN A 340 11.87 12.98 1.04
N LYS A 341 10.76 13.06 0.27
CA LYS A 341 10.24 14.35 -0.14
C LYS A 341 9.55 15.05 1.04
N LEU A 342 9.87 16.34 1.23
CA LEU A 342 9.24 17.15 2.28
C LEU A 342 7.90 17.67 1.79
N THR A 352 -0.65 20.03 2.03
CA THR A 352 -1.10 19.00 1.07
C THR A 352 0.01 18.52 0.10
N ASP A 353 0.41 17.24 0.19
CA ASP A 353 1.36 16.63 -0.78
C ASP A 353 0.68 15.86 -1.94
N SER A 354 0.07 16.61 -2.85
CA SER A 354 -0.86 16.04 -3.80
C SER A 354 -0.15 15.29 -4.91
N THR A 355 1.09 15.65 -5.15
CA THR A 355 1.79 14.97 -6.19
C THR A 355 2.47 13.75 -5.60
N VAL A 356 2.95 13.88 -4.35
CA VAL A 356 3.40 12.73 -3.60
C VAL A 356 2.22 11.84 -3.41
N LEU A 357 1.11 12.42 -3.01
CA LEU A 357 -0.12 11.65 -2.82
C LEU A 357 -0.59 10.84 -4.03
N ARG A 358 -0.47 11.44 -5.21
CA ARG A 358 -0.94 10.81 -6.44
C ARG A 358 -0.05 9.67 -6.96
N ASN A 359 1.10 9.49 -6.31
CA ASN A 359 2.01 8.42 -6.69
C ASN A 359 2.38 7.50 -5.54
N LEU A 360 1.50 7.37 -4.58
CA LEU A 360 1.77 6.52 -3.45
C LEU A 360 1.74 5.06 -3.91
N GLY A 361 1.02 4.80 -4.98
CA GLY A 361 0.80 3.44 -5.41
C GLY A 361 1.80 2.94 -6.41
N VAL A 362 2.55 3.83 -7.02
CA VAL A 362 3.51 3.43 -8.00
C VAL A 362 4.58 2.57 -7.36
N GLY A 363 5.27 3.06 -6.32
CA GLY A 363 6.46 2.34 -5.82
C GLY A 363 5.97 0.99 -5.28
N ILE A 364 4.76 1.00 -4.74
CA ILE A 364 4.08 -0.20 -4.30
C ILE A 364 3.71 -1.10 -5.48
N GLY A 365 3.15 -0.51 -6.54
CA GLY A 365 2.84 -1.26 -7.78
C GLY A 365 4.03 -2.07 -8.27
N TYR A 366 5.26 -1.60 -7.96
CA TYR A 366 6.47 -2.21 -8.47
C TYR A 366 6.89 -3.40 -7.64
N ALA A 367 6.66 -3.34 -6.34
CA ALA A 367 6.95 -4.49 -5.49
C ALA A 367 5.97 -5.65 -5.80
N LEU A 368 4.72 -5.34 -6.06
CA LEU A 368 3.82 -6.42 -6.39
C LEU A 368 4.31 -7.21 -7.57
N ILE A 369 4.78 -6.51 -8.60
CA ILE A 369 5.34 -7.22 -9.77
C ILE A 369 6.47 -8.08 -9.25
N ALA A 370 7.44 -7.49 -8.57
CA ALA A 370 8.53 -8.26 -8.03
C ALA A 370 8.04 -9.50 -7.27
N TYR A 371 7.02 -9.36 -6.46
CA TYR A 371 6.53 -10.51 -5.71
C TYR A 371 5.93 -11.54 -6.64
N GLN A 372 5.01 -11.12 -7.51
CA GLN A 372 4.36 -12.07 -8.39
C GLN A 372 5.43 -12.77 -9.19
N SER A 373 6.49 -12.03 -9.51
CA SER A 373 7.59 -12.65 -10.21
C SER A 373 8.42 -13.62 -9.37
N THR A 374 8.79 -13.26 -8.14
CA THR A 374 9.49 -14.24 -7.32
C THR A 374 8.62 -15.44 -7.06
N LEU A 375 7.38 -15.21 -6.64
CA LEU A 375 6.43 -16.30 -6.47
C LEU A 375 6.44 -17.16 -7.73
N LYS A 376 6.54 -16.55 -8.92
CA LYS A 376 6.51 -17.30 -10.20
C LYS A 376 7.72 -18.22 -10.40
N GLY A 377 8.93 -17.67 -10.37
CA GLY A 377 10.13 -18.49 -10.15
C GLY A 377 9.81 -19.15 -8.83
N VAL A 378 10.46 -20.24 -8.47
CA VAL A 378 9.93 -21.05 -7.35
C VAL A 378 8.66 -21.60 -7.92
N SER A 379 8.62 -22.89 -8.21
CA SER A 379 7.69 -23.46 -9.19
C SER A 379 8.60 -23.73 -10.35
N LYS A 380 9.62 -24.55 -10.10
CA LYS A 380 10.92 -24.53 -10.77
C LYS A 380 11.97 -24.75 -9.68
#